data_8XBG
#
_entry.id   8XBG
#
_cell.length_a   1.00
_cell.length_b   1.00
_cell.length_c   1.00
_cell.angle_alpha   90.00
_cell.angle_beta   90.00
_cell.angle_gamma   90.00
#
_symmetry.space_group_name_H-M   'P 1'
#
loop_
_entity.id
_entity.type
_entity.pdbx_description
1 polymer 'Probable G-protein coupled receptor 34'
2 non-polymer '(2~{S})-2-azanyl-3-[[(2~{R})-1-ethoxy-3-[(~{Z})-octadec-9-enoyl]oxy-propan-2-yl]oxy-oxidanyl-phosphoryl]oxy-propanoic acid'
#
_entity_poly.entity_id   1
_entity_poly.type   'polypeptide(L)'
_entity_poly.pdbx_seq_one_letter_code
;DYKDDDDAMGRSHTITMTTTSVSSWPYSSHRMRFITNHSDQPPQNFSATPNVTTCPMDEKLLSTVLTTSYSVIFIVGLVG
NIIALYVFLGIHRKRNSIQIYLLNVAIADLLLIFCLPFRIMYHINQNKWTLGVILCKVVGTLFYMNMYISIILLGFISLD
RYIKINRSIQQRKAITTKQSIYVCCIVWMLALGGFLTMIILTLKKGGHNSTMCFHYRDKHNAKGEAIFNFILVVMFWLIF
LLIILSYIKIGKNLLRISKRRSKFPNSGKYATTARNSFIVLIIFTICFVPYHAFRFIYISSQLNVSSCYWKEIVHKTNEI
MLVLSSFNSCLDPVMYFLMSSNIRKIMCQLLFRRFQGEPSRSESTSEFKPGYSLHDTSVAVKIQSSSKSTENLYFQ
;
_entity_poly.pdbx_strand_id   A
#
# COMPACT_ATOMS: atom_id res chain seq x y z
N THR A 54 12.88 -26.72 -12.33
CA THR A 54 11.94 -26.19 -11.31
C THR A 54 11.42 -27.33 -10.43
N CYS A 55 10.69 -26.98 -9.39
CA CYS A 55 10.06 -27.97 -8.49
C CYS A 55 8.56 -27.75 -8.50
N PRO A 56 7.79 -28.48 -9.34
CA PRO A 56 6.37 -28.25 -9.50
C PRO A 56 5.47 -28.97 -8.48
N MET A 57 5.32 -28.36 -7.32
CA MET A 57 4.40 -28.89 -6.29
C MET A 57 2.97 -28.41 -6.57
N ASP A 58 2.01 -29.17 -6.08
CA ASP A 58 0.57 -28.88 -6.27
C ASP A 58 0.26 -27.46 -5.79
N GLU A 59 -0.45 -26.71 -6.63
CA GLU A 59 -0.82 -25.31 -6.32
C GLU A 59 -2.24 -25.00 -6.80
N LYS A 60 -3.12 -25.99 -6.87
CA LYS A 60 -4.54 -25.71 -7.23
C LYS A 60 -5.21 -24.90 -6.13
N LEU A 61 -4.99 -25.26 -4.88
CA LEU A 61 -5.61 -24.53 -3.75
C LEU A 61 -5.04 -23.11 -3.67
N LEU A 62 -3.73 -22.98 -3.93
CA LEU A 62 -3.11 -21.63 -3.98
C LEU A 62 -3.79 -20.82 -5.09
N SER A 63 -3.98 -21.43 -6.25
CA SER A 63 -4.59 -20.73 -7.41
C SER A 63 -5.99 -20.27 -7.03
N THR A 64 -6.77 -21.13 -6.40
CA THR A 64 -8.18 -20.80 -6.07
C THR A 64 -8.21 -19.66 -5.05
N VAL A 65 -7.42 -19.76 -4.01
CA VAL A 65 -7.47 -18.74 -2.92
C VAL A 65 -6.99 -17.40 -3.47
N LEU A 66 -5.94 -17.42 -4.28
CA LEU A 66 -5.40 -16.18 -4.87
C LEU A 66 -6.43 -15.57 -5.80
N THR A 67 -7.07 -16.38 -6.63
CA THR A 67 -8.04 -15.85 -7.60
C THR A 67 -9.18 -15.18 -6.85
N THR A 68 -9.78 -15.91 -5.91
CA THR A 68 -10.99 -15.38 -5.24
C THR A 68 -10.61 -14.13 -4.43
N SER A 69 -9.53 -14.20 -3.67
CA SER A 69 -9.08 -13.07 -2.82
C SER A 69 -8.83 -11.83 -3.69
N TYR A 70 -8.13 -12.00 -4.77
CA TYR A 70 -7.80 -10.85 -5.63
C TYR A 70 -9.05 -10.34 -6.34
N SER A 71 -10.01 -11.18 -6.67
CA SER A 71 -11.27 -10.70 -7.30
C SER A 71 -12.08 -9.88 -6.29
N VAL A 72 -12.17 -10.37 -5.05
CA VAL A 72 -12.89 -9.63 -3.99
C VAL A 72 -12.19 -8.29 -3.78
N ILE A 73 -10.86 -8.31 -3.71
CA ILE A 73 -10.08 -7.07 -3.51
C ILE A 73 -10.32 -6.16 -4.71
N PHE A 74 -10.37 -6.71 -5.89
CA PHE A 74 -10.61 -5.92 -7.12
C PHE A 74 -11.92 -5.15 -6.98
N ILE A 75 -13.01 -5.87 -6.70
CA ILE A 75 -14.34 -5.20 -6.68
C ILE A 75 -14.38 -4.19 -5.51
N VAL A 76 -13.94 -4.58 -4.34
CA VAL A 76 -14.04 -3.70 -3.14
C VAL A 76 -13.15 -2.46 -3.34
N GLY A 77 -11.91 -2.65 -3.74
CA GLY A 77 -11.00 -1.52 -3.97
C GLY A 77 -11.47 -0.63 -5.10
N LEU A 78 -12.06 -1.22 -6.14
CA LEU A 78 -12.57 -0.42 -7.28
C LEU A 78 -13.67 0.51 -6.78
N VAL A 79 -14.66 -0.03 -6.09
CA VAL A 79 -15.80 0.81 -5.66
C VAL A 79 -15.26 1.83 -4.65
N GLY A 80 -14.40 1.40 -3.73
CA GLY A 80 -13.89 2.28 -2.68
C GLY A 80 -13.10 3.45 -3.27
N ASN A 81 -12.23 3.16 -4.21
CA ASN A 81 -11.35 4.21 -4.79
C ASN A 81 -12.14 5.11 -5.71
N ILE A 82 -13.14 4.59 -6.43
CA ILE A 82 -13.98 5.48 -7.28
C ILE A 82 -14.77 6.42 -6.41
N ILE A 83 -15.35 5.91 -5.33
CA ILE A 83 -16.15 6.78 -4.43
C ILE A 83 -15.21 7.79 -3.75
N ALA A 84 -14.01 7.35 -3.38
CA ALA A 84 -13.04 8.24 -2.72
C ALA A 84 -12.58 9.34 -3.68
N LEU A 85 -12.33 9.00 -4.94
CA LEU A 85 -11.93 10.03 -5.93
C LEU A 85 -13.09 11.00 -6.12
N TYR A 86 -14.31 10.50 -6.16
CA TYR A 86 -15.50 11.38 -6.30
C TYR A 86 -15.58 12.34 -5.11
N VAL A 87 -15.38 11.84 -3.91
CA VAL A 87 -15.51 12.70 -2.70
C VAL A 87 -14.27 13.57 -2.51
N PHE A 88 -13.19 13.32 -3.22
CA PHE A 88 -12.00 14.20 -3.13
C PHE A 88 -11.97 15.24 -4.23
N LEU A 89 -12.66 15.00 -5.35
CA LEU A 89 -12.74 16.02 -6.43
C LEU A 89 -14.15 16.57 -6.58
N GLY A 90 -15.18 15.82 -6.20
CA GLY A 90 -16.57 16.28 -6.31
C GLY A 90 -16.97 17.21 -5.17
N ILE A 91 -16.97 16.69 -3.94
CA ILE A 91 -17.55 17.43 -2.79
C ILE A 91 -16.46 18.20 -2.04
N HIS A 92 -15.21 18.06 -2.43
CA HIS A 92 -14.11 18.88 -1.86
C HIS A 92 -13.64 19.82 -2.95
N ARG A 93 -14.33 20.95 -3.09
CA ARG A 93 -13.87 21.99 -4.04
C ARG A 93 -12.51 22.54 -3.58
N LYS A 94 -12.37 22.75 -2.28
CA LYS A 94 -11.07 23.13 -1.69
C LYS A 94 -10.37 21.85 -1.20
N ARG A 95 -9.06 21.84 -1.28
CA ARG A 95 -8.26 20.69 -0.85
C ARG A 95 -7.27 21.12 0.21
N ASN A 96 -7.03 20.25 1.18
CA ASN A 96 -5.92 20.40 2.15
C ASN A 96 -4.79 19.45 1.83
N SER A 97 -3.63 19.66 2.44
CA SER A 97 -2.46 18.77 2.22
C SER A 97 -2.85 17.29 2.42
N ILE A 98 -3.59 17.06 3.48
CA ILE A 98 -4.06 15.72 3.79
C ILE A 98 -5.01 15.25 2.69
N GLN A 99 -5.85 16.11 2.21
CA GLN A 99 -6.77 15.69 1.15
C GLN A 99 -6.04 15.43 -0.16
N ILE A 100 -4.98 16.17 -0.41
CA ILE A 100 -4.12 15.91 -1.60
C ILE A 100 -3.46 14.53 -1.47
N TYR A 101 -2.85 14.27 -0.32
CA TYR A 101 -2.16 12.97 -0.10
C TYR A 101 -3.17 11.80 -0.16
N LEU A 102 -4.34 11.98 0.36
CA LEU A 102 -5.33 10.93 0.28
C LEU A 102 -5.75 10.75 -1.16
N LEU A 103 -5.87 11.84 -1.92
CA LEU A 103 -6.26 11.70 -3.35
C LEU A 103 -5.20 10.88 -4.09
N ASN A 104 -3.94 11.13 -3.79
CA ASN A 104 -2.86 10.38 -4.48
C ASN A 104 -2.86 8.93 -4.05
N VAL A 105 -3.12 8.64 -2.79
CA VAL A 105 -3.25 7.24 -2.35
C VAL A 105 -4.42 6.61 -3.05
N ALA A 106 -5.49 7.31 -3.25
CA ALA A 106 -6.64 6.78 -3.99
C ALA A 106 -6.26 6.47 -5.44
N ILE A 107 -5.49 7.34 -6.07
CA ILE A 107 -5.04 7.10 -7.47
C ILE A 107 -4.13 5.88 -7.55
N ALA A 108 -3.18 5.80 -6.66
CA ALA A 108 -2.23 4.67 -6.63
C ALA A 108 -3.00 3.37 -6.44
N ASP A 109 -3.92 3.38 -5.50
CA ASP A 109 -4.72 2.18 -5.24
C ASP A 109 -5.62 1.87 -6.44
N LEU A 110 -6.15 2.87 -7.10
CA LEU A 110 -6.96 2.61 -8.28
C LEU A 110 -6.12 1.88 -9.33
N LEU A 111 -4.89 2.30 -9.49
CA LEU A 111 -3.96 1.59 -10.43
C LEU A 111 -3.66 0.17 -9.93
N LEU A 112 -3.58 -0.04 -8.61
CA LEU A 112 -3.36 -1.43 -8.09
C LEU A 112 -4.56 -2.35 -8.36
N ILE A 113 -5.76 -1.88 -8.11
CA ILE A 113 -6.99 -2.60 -8.53
C ILE A 113 -7.02 -2.76 -10.06
N PHE A 114 -6.41 -1.85 -10.79
CA PHE A 114 -6.29 -2.04 -12.26
C PHE A 114 -5.29 -3.16 -12.60
N CYS A 115 -4.25 -3.30 -11.82
CA CYS A 115 -3.27 -4.39 -12.02
C CYS A 115 -3.90 -5.75 -11.70
N LEU A 116 -4.86 -5.80 -10.80
CA LEU A 116 -5.34 -7.11 -10.26
C LEU A 116 -5.86 -8.04 -11.35
N PRO A 117 -6.74 -7.61 -12.27
CA PRO A 117 -7.36 -8.57 -13.18
C PRO A 117 -6.37 -9.43 -14.00
N PHE A 118 -5.22 -8.89 -14.36
CA PHE A 118 -4.20 -9.70 -15.07
C PHE A 118 -3.70 -10.82 -14.14
N ARG A 119 -3.50 -10.51 -12.87
CA ARG A 119 -3.07 -11.54 -11.90
C ARG A 119 -4.15 -12.61 -11.75
N ILE A 120 -5.42 -12.20 -11.68
CA ILE A 120 -6.48 -13.21 -11.49
C ILE A 120 -6.56 -14.07 -12.76
N MET A 121 -6.41 -13.46 -13.93
CA MET A 121 -6.47 -14.22 -15.20
C MET A 121 -5.35 -15.26 -15.22
N TYR A 122 -4.14 -14.86 -14.88
CA TYR A 122 -2.99 -15.78 -14.91
C TYR A 122 -3.22 -16.90 -13.89
N HIS A 123 -3.68 -16.56 -12.70
CA HIS A 123 -3.80 -17.58 -11.63
C HIS A 123 -4.95 -18.54 -11.94
N ILE A 124 -6.03 -18.08 -12.56
CA ILE A 124 -7.20 -18.98 -12.71
C ILE A 124 -7.14 -19.75 -14.03
N ASN A 125 -6.55 -19.21 -15.08
CA ASN A 125 -6.66 -19.84 -16.41
C ASN A 125 -6.08 -21.24 -16.38
N GLN A 126 -4.76 -21.36 -16.32
CA GLN A 126 -4.10 -22.66 -16.13
C GLN A 126 -2.84 -22.49 -15.29
N ASN A 127 -2.71 -21.33 -14.66
CA ASN A 127 -1.44 -20.88 -14.03
C ASN A 127 -0.38 -20.76 -15.13
N LYS A 128 -0.80 -20.30 -16.31
CA LYS A 128 0.15 -20.03 -17.42
C LYS A 128 -0.14 -18.64 -18.00
N TRP A 129 0.91 -17.99 -18.47
CA TRP A 129 0.85 -16.58 -18.95
C TRP A 129 0.76 -16.59 -20.47
N THR A 130 -0.39 -16.19 -20.99
CA THR A 130 -0.62 -16.23 -22.45
C THR A 130 0.04 -15.04 -23.12
N LEU A 131 0.20 -13.92 -22.43
CA LEU A 131 0.73 -12.69 -23.07
C LEU A 131 2.26 -12.75 -23.15
N GLY A 132 2.87 -11.68 -23.66
CA GLY A 132 4.33 -11.63 -23.82
C GLY A 132 5.06 -11.38 -22.52
N VAL A 133 6.37 -11.53 -22.51
CA VAL A 133 7.22 -11.15 -21.35
C VAL A 133 7.09 -9.65 -21.06
N ILE A 134 6.80 -8.85 -22.07
CA ILE A 134 6.70 -7.39 -21.89
C ILE A 134 5.57 -7.08 -20.90
N LEU A 135 4.39 -7.62 -21.15
CA LEU A 135 3.22 -7.31 -20.28
C LEU A 135 3.46 -7.90 -18.90
N CYS A 136 4.08 -9.07 -18.81
CA CYS A 136 4.47 -9.68 -17.52
C CYS A 136 5.25 -8.67 -16.72
N LYS A 137 6.34 -8.17 -17.30
CA LYS A 137 7.21 -7.25 -16.52
C LYS A 137 6.47 -5.94 -16.22
N VAL A 138 5.67 -5.45 -17.16
CA VAL A 138 4.93 -4.20 -16.93
C VAL A 138 4.02 -4.36 -15.71
N VAL A 139 3.23 -5.42 -15.66
CA VAL A 139 2.26 -5.58 -14.55
C VAL A 139 3.03 -5.86 -13.26
N GLY A 140 4.01 -6.73 -13.31
CA GLY A 140 4.77 -7.13 -12.12
C GLY A 140 5.55 -5.98 -11.55
N THR A 141 5.80 -4.94 -12.35
CA THR A 141 6.53 -3.77 -11.85
C THR A 141 5.58 -2.67 -11.44
N LEU A 142 4.47 -2.51 -12.15
CA LEU A 142 3.49 -1.46 -11.80
C LEU A 142 2.85 -1.80 -10.44
N PHE A 143 2.68 -3.08 -10.15
CA PHE A 143 2.01 -3.49 -8.90
C PHE A 143 2.86 -3.03 -7.74
N TYR A 144 4.11 -3.34 -7.77
CA TYR A 144 5.01 -2.97 -6.67
C TYR A 144 5.20 -1.47 -6.63
N MET A 145 5.27 -0.82 -7.79
CA MET A 145 5.31 0.66 -7.85
C MET A 145 4.14 1.26 -7.05
N ASN A 146 2.94 0.80 -7.33
CA ASN A 146 1.75 1.28 -6.61
C ASN A 146 1.88 0.99 -5.09
N MET A 147 2.27 -0.21 -4.71
CA MET A 147 2.33 -0.54 -3.30
C MET A 147 3.26 0.42 -2.60
N TYR A 148 4.46 0.61 -3.13
CA TYR A 148 5.40 1.46 -2.36
C TYR A 148 5.04 2.96 -2.49
N ILE A 149 4.37 3.40 -3.56
CA ILE A 149 3.81 4.79 -3.60
C ILE A 149 2.79 4.91 -2.50
N SER A 150 1.87 3.95 -2.37
CA SER A 150 0.86 3.95 -1.29
C SER A 150 1.57 4.10 0.06
N ILE A 151 2.55 3.31 0.31
CA ILE A 151 3.22 3.31 1.61
C ILE A 151 3.91 4.65 1.82
N ILE A 152 4.52 5.23 0.83
CA ILE A 152 5.20 6.52 1.05
C ILE A 152 4.13 7.59 1.33
N LEU A 153 3.06 7.58 0.59
CA LEU A 153 1.99 8.56 0.86
C LEU A 153 1.30 8.36 2.22
N LEU A 154 1.18 7.12 2.68
CA LEU A 154 0.68 6.82 4.05
C LEU A 154 1.59 7.44 5.09
N GLY A 155 2.86 7.28 4.89
CA GLY A 155 3.85 7.87 5.78
C GLY A 155 3.73 9.36 5.79
N PHE A 156 3.51 9.95 4.63
CA PHE A 156 3.39 11.42 4.56
C PHE A 156 2.12 11.93 5.25
N ILE A 157 1.06 11.21 5.08
CA ILE A 157 -0.14 11.65 5.84
C ILE A 157 0.16 11.59 7.33
N SER A 158 0.70 10.53 7.79
CA SER A 158 0.96 10.41 9.24
C SER A 158 1.86 11.56 9.69
N LEU A 159 2.92 11.89 8.93
CA LEU A 159 3.84 12.95 9.33
C LEU A 159 3.09 14.27 9.42
N ASP A 160 2.24 14.57 8.45
CA ASP A 160 1.55 15.87 8.50
C ASP A 160 0.56 15.88 9.66
N ARG A 161 -0.09 14.78 9.96
CA ARG A 161 -1.01 14.72 11.12
C ARG A 161 -0.21 14.93 12.40
N TYR A 162 0.97 14.42 12.51
CA TYR A 162 1.78 14.62 13.72
C TYR A 162 2.25 16.06 13.82
N ILE A 163 2.54 16.74 12.72
CA ILE A 163 2.91 18.19 12.81
C ILE A 163 1.64 19.03 13.04
N LYS A 164 0.48 18.53 12.62
CA LYS A 164 -0.77 19.30 12.72
C LYS A 164 -1.38 19.18 14.13
N ILE A 165 -1.25 18.04 14.76
CA ILE A 165 -2.00 17.75 16.01
C ILE A 165 -1.13 18.01 17.19
N ASN A 166 -0.05 17.28 17.30
CA ASN A 166 0.74 17.33 18.56
C ASN A 166 1.36 18.72 18.76
N ARG A 167 2.03 19.26 17.75
CA ARG A 167 2.92 20.43 17.94
C ARG A 167 2.30 21.74 17.43
N SER A 168 1.26 21.70 16.62
CA SER A 168 0.63 22.95 16.12
C SER A 168 -0.14 23.60 17.27
N ILE A 169 0.10 24.88 17.49
CA ILE A 169 -0.57 25.61 18.58
C ILE A 169 -1.83 26.27 18.03
N GLN A 170 -1.73 27.00 16.92
CA GLN A 170 -2.89 27.73 16.36
C GLN A 170 -3.30 27.14 15.01
N GLN A 171 -2.47 27.28 13.99
CA GLN A 171 -2.81 26.91 12.59
C GLN A 171 -1.55 26.97 11.75
N ARG A 172 -1.72 26.81 10.44
CA ARG A 172 -0.62 26.99 9.48
C ARG A 172 -1.07 27.87 8.30
N LYS A 173 -2.22 28.53 8.40
CA LYS A 173 -2.77 29.43 7.34
C LYS A 173 -3.00 28.66 6.04
N ALA A 174 -3.04 27.33 6.09
CA ALA A 174 -3.37 26.45 4.95
C ALA A 174 -2.48 26.79 3.75
N ILE A 175 -1.19 27.02 4.01
CA ILE A 175 -0.20 27.26 2.94
C ILE A 175 0.44 25.93 2.60
N THR A 176 -0.20 24.85 2.97
CA THR A 176 0.41 23.50 2.94
C THR A 176 0.09 22.76 1.65
N THR A 177 -0.91 23.18 0.90
CA THR A 177 -1.26 22.48 -0.38
C THR A 177 -0.12 22.64 -1.39
N LYS A 178 0.65 23.72 -1.29
CA LYS A 178 1.76 23.98 -2.23
C LYS A 178 2.75 22.83 -2.12
N GLN A 179 3.42 22.71 -0.99
CA GLN A 179 4.46 21.66 -0.83
C GLN A 179 3.80 20.28 -0.85
N SER A 180 2.50 20.21 -0.58
CA SER A 180 1.76 18.93 -0.76
C SER A 180 1.82 18.50 -2.22
N ILE A 181 1.43 19.37 -3.13
CA ILE A 181 1.49 19.06 -4.59
C ILE A 181 2.93 18.84 -5.04
N TYR A 182 3.83 19.62 -4.49
CA TYR A 182 5.27 19.43 -4.82
C TYR A 182 5.74 18.03 -4.41
N VAL A 183 5.44 17.60 -3.19
CA VAL A 183 5.89 16.28 -2.67
C VAL A 183 5.18 15.14 -3.38
N CYS A 184 3.93 15.30 -3.65
CA CYS A 184 3.20 14.24 -4.40
C CYS A 184 3.72 14.06 -5.83
N CYS A 185 4.03 15.17 -6.49
CA CYS A 185 4.58 15.12 -7.86
C CYS A 185 6.02 14.60 -7.83
N ILE A 186 6.78 15.01 -6.85
CA ILE A 186 8.15 14.53 -6.75
C ILE A 186 8.08 13.02 -6.59
N VAL A 187 7.27 12.51 -5.66
CA VAL A 187 7.28 11.06 -5.37
C VAL A 187 6.76 10.31 -6.58
N TRP A 188 5.73 10.82 -7.23
CA TRP A 188 5.24 10.12 -8.44
C TRP A 188 6.33 10.06 -9.53
N MET A 189 7.04 11.15 -9.76
CA MET A 189 8.05 11.14 -10.83
C MET A 189 9.18 10.19 -10.41
N LEU A 190 9.62 10.24 -9.16
CA LEU A 190 10.70 9.32 -8.77
C LEU A 190 10.24 7.87 -8.90
N ALA A 191 8.98 7.57 -8.60
CA ALA A 191 8.47 6.19 -8.74
C ALA A 191 8.39 5.77 -10.21
N LEU A 192 7.97 6.67 -11.10
CA LEU A 192 8.00 6.38 -12.56
C LEU A 192 9.46 6.10 -12.97
N GLY A 193 10.40 6.89 -12.46
CA GLY A 193 11.83 6.70 -12.78
C GLY A 193 12.32 5.32 -12.36
N GLY A 194 12.05 4.97 -11.12
CA GLY A 194 12.47 3.64 -10.63
C GLY A 194 11.79 2.49 -11.36
N PHE A 195 10.51 2.62 -11.65
CA PHE A 195 9.74 1.58 -12.37
C PHE A 195 10.29 1.38 -13.76
N LEU A 196 10.55 2.47 -14.47
CA LEU A 196 11.09 2.34 -15.84
C LEU A 196 12.53 1.81 -15.77
N THR A 197 13.31 2.24 -14.79
CA THR A 197 14.69 1.76 -14.64
C THR A 197 14.67 0.24 -14.49
N MET A 198 13.87 -0.26 -13.56
CA MET A 198 13.83 -1.71 -13.31
C MET A 198 13.29 -2.43 -14.56
N ILE A 199 12.26 -1.89 -15.22
CA ILE A 199 11.63 -2.58 -16.35
C ILE A 199 12.64 -2.65 -17.51
N ILE A 200 13.46 -1.63 -17.71
CA ILE A 200 14.42 -1.67 -18.85
C ILE A 200 15.61 -2.52 -18.45
N LEU A 201 16.02 -2.50 -17.18
CA LEU A 201 17.15 -3.35 -16.76
C LEU A 201 16.72 -4.83 -16.83
N THR A 202 15.44 -5.12 -16.74
CA THR A 202 14.96 -6.51 -16.80
C THR A 202 14.71 -6.96 -18.24
N LEU A 203 13.91 -6.21 -18.99
CA LEU A 203 13.41 -6.69 -20.29
C LEU A 203 14.57 -6.96 -21.26
N LYS A 204 15.57 -6.08 -21.31
CA LYS A 204 16.65 -6.20 -22.31
C LYS A 204 17.89 -6.87 -21.73
N LYS A 205 18.36 -6.43 -20.56
CA LYS A 205 19.67 -6.91 -20.06
C LYS A 205 19.61 -8.41 -19.72
N GLY A 206 18.47 -8.89 -19.26
CA GLY A 206 18.31 -10.31 -18.89
C GLY A 206 18.24 -11.20 -20.10
N GLY A 207 18.48 -12.49 -19.88
CA GLY A 207 18.42 -13.53 -20.92
C GLY A 207 17.24 -14.47 -20.73
N HIS A 208 16.56 -14.39 -19.59
CA HIS A 208 15.48 -15.33 -19.25
C HIS A 208 14.13 -14.68 -19.49
N ASN A 209 13.37 -15.29 -20.38
CA ASN A 209 11.92 -15.01 -20.57
C ASN A 209 11.21 -16.35 -20.72
N SER A 210 9.94 -16.39 -20.39
CA SER A 210 9.22 -17.69 -20.39
C SER A 210 7.75 -17.46 -20.69
N THR A 211 6.95 -18.50 -20.54
CA THR A 211 5.49 -18.45 -20.83
C THR A 211 4.67 -18.43 -19.54
N MET A 212 5.31 -18.36 -18.39
CA MET A 212 4.58 -18.21 -17.11
C MET A 212 5.12 -17.00 -16.38
N CYS A 213 4.27 -16.34 -15.62
CA CYS A 213 4.57 -15.03 -15.02
C CYS A 213 4.38 -15.09 -13.51
N PHE A 214 4.98 -14.14 -12.82
CA PHE A 214 4.84 -13.90 -11.37
C PHE A 214 5.40 -15.06 -10.55
N HIS A 215 5.88 -16.12 -11.20
CA HIS A 215 6.30 -17.30 -10.45
C HIS A 215 7.62 -17.02 -9.73
N TYR A 216 8.05 -17.92 -8.87
CA TYR A 216 9.33 -17.76 -8.17
C TYR A 216 10.44 -17.95 -9.18
N ARG A 217 11.29 -16.92 -9.29
CA ARG A 217 12.52 -16.97 -10.11
C ARG A 217 13.66 -16.47 -9.23
N ASP A 218 14.75 -17.21 -9.18
CA ASP A 218 15.92 -16.74 -8.39
C ASP A 218 16.47 -15.45 -9.03
N LYS A 219 16.97 -14.56 -8.20
CA LYS A 219 17.53 -13.28 -8.65
C LYS A 219 19.03 -13.39 -8.84
N HIS A 220 19.59 -14.59 -8.99
CA HIS A 220 21.02 -14.72 -9.33
C HIS A 220 21.27 -14.23 -10.76
N ASN A 221 20.25 -14.27 -11.60
CA ASN A 221 20.31 -13.70 -12.97
C ASN A 221 20.24 -12.17 -12.95
N ALA A 222 19.74 -11.57 -11.89
CA ALA A 222 19.66 -10.10 -11.76
C ALA A 222 19.85 -9.72 -10.31
N LYS A 223 21.09 -9.48 -9.91
CA LYS A 223 21.42 -9.14 -8.50
C LYS A 223 20.97 -7.70 -8.20
N GLY A 224 20.91 -6.84 -9.21
CA GLY A 224 20.42 -5.46 -9.03
C GLY A 224 19.03 -5.45 -8.44
N GLU A 225 18.17 -6.37 -8.88
CA GLU A 225 16.78 -6.46 -8.36
C GLU A 225 16.81 -6.86 -6.88
N ALA A 226 17.73 -7.75 -6.52
CA ALA A 226 17.86 -8.18 -5.11
C ALA A 226 18.23 -6.96 -4.29
N ILE A 227 19.22 -6.22 -4.72
CA ILE A 227 19.68 -5.06 -3.93
C ILE A 227 18.59 -4.00 -3.91
N PHE A 228 17.86 -3.82 -5.01
CA PHE A 228 16.73 -2.86 -5.06
C PHE A 228 15.67 -3.25 -4.03
N ASN A 229 15.36 -4.53 -3.94
CA ASN A 229 14.35 -5.01 -2.97
C ASN A 229 14.87 -4.85 -1.54
N PHE A 230 16.13 -5.07 -1.31
CA PHE A 230 16.67 -4.86 0.04
C PHE A 230 16.56 -3.38 0.39
N ILE A 231 16.86 -2.48 -0.54
CA ILE A 231 16.75 -1.03 -0.28
C ILE A 231 15.29 -0.70 0.02
N LEU A 232 14.39 -1.24 -0.79
CA LEU A 232 12.97 -0.93 -0.59
C LEU A 232 12.51 -1.44 0.76
N VAL A 233 12.95 -2.61 1.18
CA VAL A 233 12.47 -3.18 2.46
C VAL A 233 13.00 -2.31 3.59
N VAL A 234 14.24 -1.91 3.53
CA VAL A 234 14.77 -1.09 4.66
C VAL A 234 14.05 0.27 4.69
N MET A 235 13.76 0.85 3.54
CA MET A 235 13.07 2.16 3.56
C MET A 235 11.61 1.97 3.98
N PHE A 236 10.99 0.87 3.67
CA PHE A 236 9.63 0.61 4.18
C PHE A 236 9.63 0.47 5.70
N TRP A 237 10.62 -0.19 6.24
CA TRP A 237 10.69 -0.33 7.70
C TRP A 237 10.93 1.04 8.34
N LEU A 238 11.73 1.88 7.72
CA LEU A 238 11.91 3.25 8.25
C LEU A 238 10.60 4.05 8.16
N ILE A 239 9.91 3.96 7.05
CA ILE A 239 8.64 4.71 6.92
C ILE A 239 7.65 4.20 7.97
N PHE A 240 7.60 2.91 8.21
CA PHE A 240 6.65 2.36 9.20
C PHE A 240 7.09 2.77 10.60
N LEU A 241 8.38 2.89 10.87
CA LEU A 241 8.80 3.45 12.17
C LEU A 241 8.26 4.89 12.31
N LEU A 242 8.35 5.67 11.26
CA LEU A 242 7.87 7.05 11.34
C LEU A 242 6.36 6.99 11.58
N ILE A 243 5.62 6.12 10.89
CA ILE A 243 4.15 6.01 11.07
C ILE A 243 3.81 5.61 12.49
N ILE A 244 4.55 4.70 13.04
CA ILE A 244 4.25 4.24 14.43
C ILE A 244 4.54 5.34 15.44
N LEU A 245 5.64 6.05 15.27
CA LEU A 245 5.90 7.22 16.13
C LEU A 245 4.76 8.26 16.00
N SER A 246 4.43 8.59 14.79
CA SER A 246 3.44 9.65 14.52
C SER A 246 2.12 9.28 15.18
N TYR A 247 1.62 8.10 14.89
CA TYR A 247 0.27 7.78 15.39
C TYR A 247 0.26 7.45 16.91
N ILE A 248 1.30 6.90 17.43
CA ILE A 248 1.37 6.69 18.90
C ILE A 248 1.33 8.08 19.54
N LYS A 249 2.11 9.04 19.04
CA LYS A 249 2.16 10.36 19.69
C LYS A 249 0.84 11.08 19.54
N ILE A 250 0.16 10.89 18.45
CA ILE A 250 -1.20 11.48 18.26
C ILE A 250 -2.17 10.92 19.27
N GLY A 251 -2.10 9.63 19.45
CA GLY A 251 -3.02 9.01 20.42
C GLY A 251 -2.70 9.47 21.84
N LYS A 252 -1.40 9.53 22.20
CA LYS A 252 -1.02 9.93 23.56
C LYS A 252 -1.39 11.39 23.81
N ASN A 253 -1.17 12.25 22.85
CA ASN A 253 -1.49 13.68 23.06
C ASN A 253 -2.99 13.83 23.24
N LEU A 254 -3.77 13.17 22.38
CA LEU A 254 -5.25 13.29 22.51
C LEU A 254 -5.73 12.64 23.81
N LEU A 255 -5.06 11.61 24.28
CA LEU A 255 -5.44 10.96 25.55
C LEU A 255 -5.20 11.92 26.71
N ARG A 256 -4.07 12.57 26.73
CA ARG A 256 -3.78 13.50 27.85
C ARG A 256 -4.78 14.64 27.79
N ILE A 257 -5.02 15.17 26.61
CA ILE A 257 -5.94 16.33 26.49
C ILE A 257 -7.33 15.92 26.94
N SER A 258 -7.79 14.74 26.57
CA SER A 258 -9.10 14.23 27.05
C SER A 258 -9.06 14.05 28.57
N LYS A 259 -7.91 13.68 29.12
CA LYS A 259 -7.80 13.50 30.57
C LYS A 259 -8.03 14.83 31.28
N ARG A 260 -7.40 15.91 30.82
CA ARG A 260 -7.63 17.23 31.45
C ARG A 260 -9.10 17.62 31.28
N ARG A 261 -9.60 17.61 30.04
CA ARG A 261 -11.02 17.90 29.75
C ARG A 261 -11.40 19.28 30.30
N SER A 262 -10.78 20.32 29.76
CA SER A 262 -11.01 21.71 30.20
C SER A 262 -12.47 22.13 29.93
N LYS A 263 -12.94 21.93 28.71
CA LYS A 263 -14.29 22.36 28.30
C LYS A 263 -15.19 21.12 28.28
N PHE A 264 -16.30 21.20 28.99
CA PHE A 264 -17.22 20.05 29.12
C PHE A 264 -17.83 19.63 27.78
N PRO A 265 -18.38 20.53 26.94
CA PRO A 265 -19.05 20.08 25.72
C PRO A 265 -18.12 19.29 24.78
N ASN A 266 -18.69 18.27 24.15
CA ASN A 266 -18.05 17.38 23.14
C ASN A 266 -16.59 17.09 23.53
N SER A 267 -16.33 16.78 24.78
CA SER A 267 -14.98 16.37 25.26
C SER A 267 -14.72 14.89 24.95
N GLY A 268 -15.77 14.13 24.61
CA GLY A 268 -15.64 12.71 24.27
C GLY A 268 -15.15 12.47 22.86
N LYS A 269 -15.26 13.43 21.97
CA LYS A 269 -14.77 13.28 20.56
C LYS A 269 -13.26 13.03 20.60
N TYR A 270 -12.59 13.58 21.59
CA TYR A 270 -11.16 13.34 21.74
C TYR A 270 -10.88 11.86 21.99
N ALA A 271 -11.73 11.18 22.75
CA ALA A 271 -11.59 9.72 22.94
C ALA A 271 -11.76 8.99 21.62
N THR A 272 -12.74 9.39 20.82
CA THR A 272 -12.98 8.74 19.52
C THR A 272 -11.72 8.93 18.63
N THR A 273 -11.21 10.13 18.55
CA THR A 273 -10.03 10.39 17.72
C THR A 273 -8.84 9.66 18.26
N ALA A 274 -8.69 9.56 19.57
CA ALA A 274 -7.56 8.82 20.16
C ALA A 274 -7.66 7.35 19.72
N ARG A 275 -8.85 6.78 19.75
CA ARG A 275 -8.98 5.37 19.33
C ARG A 275 -8.65 5.31 17.84
N ASN A 276 -9.09 6.29 17.05
CA ASN A 276 -8.92 6.25 15.59
C ASN A 276 -7.45 6.29 15.16
N SER A 277 -6.65 7.07 15.86
CA SER A 277 -5.19 7.06 15.62
C SER A 277 -4.57 5.67 15.76
N PHE A 278 -4.86 5.01 16.87
CA PHE A 278 -4.30 3.67 17.09
C PHE A 278 -4.98 2.72 16.10
N ILE A 279 -6.26 2.93 15.76
CA ILE A 279 -6.89 2.00 14.83
C ILE A 279 -6.11 1.99 13.55
N VAL A 280 -5.89 3.15 12.96
CA VAL A 280 -5.20 3.21 11.62
C VAL A 280 -3.74 2.75 11.74
N LEU A 281 -3.06 3.03 12.85
CA LEU A 281 -1.71 2.47 13.02
C LEU A 281 -1.75 0.97 13.04
N ILE A 282 -2.66 0.37 13.75
CA ILE A 282 -2.71 -1.11 13.86
C ILE A 282 -3.16 -1.71 12.53
N ILE A 283 -4.07 -1.07 11.80
CA ILE A 283 -4.47 -1.65 10.49
C ILE A 283 -3.28 -1.63 9.53
N PHE A 284 -2.60 -0.52 9.46
CA PHE A 284 -1.37 -0.51 8.65
C PHE A 284 -0.34 -1.52 9.17
N THR A 285 -0.27 -1.78 10.47
CA THR A 285 0.73 -2.69 11.03
C THR A 285 0.38 -4.14 10.69
N ILE A 286 -0.91 -4.47 10.68
CA ILE A 286 -1.28 -5.87 10.38
C ILE A 286 -1.27 -6.09 8.86
N CYS A 287 -1.52 -5.10 8.06
CA CYS A 287 -1.61 -5.31 6.58
C CYS A 287 -0.28 -5.20 5.85
N PHE A 288 0.77 -4.76 6.52
CA PHE A 288 2.03 -4.56 5.81
C PHE A 288 3.17 -5.24 6.51
N VAL A 289 3.17 -5.31 7.82
CA VAL A 289 4.43 -5.75 8.50
C VAL A 289 4.72 -7.23 8.18
N PRO A 290 3.74 -8.15 8.10
CA PRO A 290 4.04 -9.53 7.71
C PRO A 290 4.85 -9.70 6.40
N TYR A 291 4.38 -9.05 5.33
CA TYR A 291 5.01 -9.18 4.01
C TYR A 291 6.45 -8.69 4.05
N HIS A 292 6.63 -7.49 4.58
CA HIS A 292 7.97 -6.88 4.64
C HIS A 292 8.85 -7.53 5.72
N ALA A 293 8.28 -8.33 6.60
CA ALA A 293 9.10 -9.02 7.59
C ALA A 293 9.58 -10.34 6.99
N PHE A 294 8.76 -10.97 6.16
CA PHE A 294 9.22 -12.20 5.48
C PHE A 294 10.12 -11.89 4.29
N ARG A 295 10.03 -10.69 3.75
CA ARG A 295 10.74 -10.38 2.49
C ARG A 295 12.25 -10.47 2.71
N PHE A 296 12.74 -10.24 3.90
CA PHE A 296 14.17 -10.46 4.18
C PHE A 296 14.58 -11.92 3.93
N ILE A 297 13.81 -12.86 4.43
CA ILE A 297 14.05 -14.32 4.20
C ILE A 297 13.83 -14.63 2.73
N TYR A 298 12.85 -13.99 2.11
CA TYR A 298 12.60 -14.21 0.67
C TYR A 298 13.85 -13.82 -0.14
N ILE A 299 14.43 -12.67 0.12
CA ILE A 299 15.62 -12.21 -0.63
C ILE A 299 16.74 -13.15 -0.28
N SER A 300 16.93 -13.48 0.99
CA SER A 300 18.09 -14.29 1.41
C SER A 300 18.04 -15.66 0.72
N SER A 301 16.87 -16.25 0.62
CA SER A 301 16.69 -17.55 -0.07
C SER A 301 16.87 -17.38 -1.58
N GLN A 302 16.46 -16.24 -2.12
CA GLN A 302 16.47 -16.01 -3.58
C GLN A 302 17.89 -15.77 -4.09
N LEU A 303 18.86 -15.58 -3.22
CA LEU A 303 20.24 -15.26 -3.66
C LEU A 303 21.23 -16.25 -3.06
N ASN A 304 20.86 -17.52 -2.98
CA ASN A 304 21.80 -18.56 -2.52
C ASN A 304 21.30 -19.93 -2.98
N VAL A 305 22.18 -20.92 -2.87
CA VAL A 305 21.83 -22.32 -3.20
C VAL A 305 20.86 -22.83 -2.14
N SER A 306 19.79 -23.47 -2.57
CA SER A 306 18.76 -23.99 -1.65
C SER A 306 17.95 -25.08 -2.33
N SER A 307 17.32 -25.90 -1.52
CA SER A 307 16.41 -26.97 -1.97
C SER A 307 15.10 -26.36 -2.42
N CYS A 308 14.30 -27.12 -3.14
CA CYS A 308 13.04 -26.59 -3.71
C CYS A 308 11.95 -26.53 -2.63
N TYR A 309 11.96 -27.45 -1.68
CA TYR A 309 10.92 -27.50 -0.62
C TYR A 309 10.84 -26.15 0.08
N TRP A 310 11.98 -25.50 0.26
CA TRP A 310 11.99 -24.10 0.74
C TRP A 310 11.27 -23.20 -0.26
N LYS A 311 11.43 -23.48 -1.53
CA LYS A 311 10.93 -22.57 -2.59
C LYS A 311 9.41 -22.60 -2.65
N GLU A 312 8.77 -23.75 -2.48
CA GLU A 312 7.30 -23.75 -2.52
C GLU A 312 6.74 -22.95 -1.35
N ILE A 313 7.24 -23.19 -0.15
CA ILE A 313 6.68 -22.50 1.04
C ILE A 313 6.95 -21.00 0.88
N VAL A 314 8.12 -20.63 0.39
CA VAL A 314 8.45 -19.20 0.21
C VAL A 314 7.50 -18.57 -0.81
N HIS A 315 7.30 -19.22 -1.92
CA HIS A 315 6.40 -18.67 -2.97
C HIS A 315 4.96 -18.53 -2.43
N LYS A 316 4.43 -19.56 -1.78
CA LYS A 316 3.05 -19.49 -1.31
C LYS A 316 2.87 -18.49 -0.14
N THR A 317 3.86 -18.38 0.72
CA THR A 317 3.81 -17.36 1.78
C THR A 317 3.74 -15.99 1.12
N ASN A 318 4.58 -15.76 0.12
CA ASN A 318 4.58 -14.46 -0.56
C ASN A 318 3.24 -14.21 -1.21
N GLU A 319 2.63 -15.22 -1.78
CA GLU A 319 1.29 -15.03 -2.37
C GLU A 319 0.28 -14.57 -1.32
N ILE A 320 0.27 -15.22 -0.17
CA ILE A 320 -0.67 -14.82 0.92
C ILE A 320 -0.36 -13.39 1.38
N MET A 321 0.89 -13.07 1.54
CA MET A 321 1.28 -11.74 2.01
C MET A 321 0.80 -10.68 1.00
N LEU A 322 0.96 -10.94 -0.28
CA LEU A 322 0.48 -9.99 -1.31
C LEU A 322 -1.04 -9.86 -1.26
N VAL A 323 -1.72 -10.94 -0.96
CA VAL A 323 -3.18 -10.85 -0.77
C VAL A 323 -3.43 -9.84 0.35
N LEU A 324 -2.68 -9.93 1.45
CA LEU A 324 -2.86 -8.99 2.58
C LEU A 324 -2.60 -7.54 2.13
N SER A 325 -1.53 -7.33 1.37
CA SER A 325 -1.12 -5.98 0.95
C SER A 325 -2.20 -5.34 0.08
N SER A 326 -2.67 -6.07 -0.89
CA SER A 326 -3.78 -5.56 -1.73
C SER A 326 -5.06 -5.39 -0.90
N PHE A 327 -5.22 -6.19 0.16
CA PHE A 327 -6.35 -5.99 1.09
C PHE A 327 -6.28 -4.61 1.75
N ASN A 328 -5.09 -4.21 2.14
CA ASN A 328 -4.94 -2.85 2.71
C ASN A 328 -5.30 -1.81 1.66
N SER A 329 -4.77 -1.98 0.47
CA SER A 329 -4.99 -1.00 -0.60
C SER A 329 -6.48 -0.89 -0.92
N CYS A 330 -7.23 -1.94 -0.68
CA CYS A 330 -8.71 -1.88 -0.90
C CYS A 330 -9.44 -1.33 0.32
N LEU A 331 -8.89 -1.49 1.52
CA LEU A 331 -9.57 -0.97 2.74
C LEU A 331 -9.45 0.56 2.86
N ASP A 332 -8.31 1.13 2.51
CA ASP A 332 -7.99 2.51 2.94
C ASP A 332 -9.08 3.54 2.61
N PRO A 333 -9.63 3.60 1.39
CA PRO A 333 -10.77 4.49 1.11
C PRO A 333 -11.97 4.32 2.06
N VAL A 334 -12.31 3.08 2.41
CA VAL A 334 -13.41 2.81 3.39
C VAL A 334 -13.00 3.37 4.76
N MET A 335 -11.72 3.24 5.10
CA MET A 335 -11.23 3.84 6.35
C MET A 335 -11.42 5.37 6.37
N TYR A 336 -11.13 6.03 5.27
CA TYR A 336 -11.33 7.48 5.23
C TYR A 336 -12.83 7.81 5.23
N PHE A 337 -13.64 6.97 4.61
CA PHE A 337 -15.09 7.19 4.62
C PHE A 337 -15.60 7.17 6.05
N LEU A 338 -15.19 6.18 6.82
CA LEU A 338 -15.71 6.03 8.20
C LEU A 338 -15.06 7.02 9.17
N MET A 339 -13.78 7.29 9.06
CA MET A 339 -13.08 8.04 10.14
C MET A 339 -13.45 9.53 10.11
N SER A 340 -13.91 10.03 8.96
CA SER A 340 -14.24 11.46 8.82
C SER A 340 -15.67 11.69 9.34
N SER A 341 -15.83 12.67 10.21
CA SER A 341 -17.15 12.94 10.86
C SER A 341 -18.20 13.27 9.79
N ASN A 342 -17.88 14.23 8.92
CA ASN A 342 -18.84 14.71 7.91
C ASN A 342 -19.20 13.57 6.95
N ILE A 343 -18.21 12.84 6.48
CA ILE A 343 -18.48 11.76 5.50
C ILE A 343 -19.26 10.64 6.19
N ARG A 344 -18.93 10.33 7.43
CA ARG A 344 -19.67 9.26 8.16
C ARG A 344 -21.12 9.67 8.35
N LYS A 345 -21.37 10.93 8.70
CA LYS A 345 -22.76 11.42 8.82
C LYS A 345 -23.47 11.34 7.46
N ILE A 346 -22.77 11.71 6.39
CA ILE A 346 -23.37 11.68 5.02
C ILE A 346 -23.77 10.24 4.70
N MET A 347 -22.88 9.29 4.96
CA MET A 347 -23.16 7.86 4.65
C MET A 347 -24.31 7.37 5.54
N CYS A 348 -24.31 7.71 6.82
CA CYS A 348 -25.35 7.20 7.76
C CYS A 348 -26.72 7.77 7.38
N GLN A 349 -26.78 9.04 7.00
CA GLN A 349 -28.09 9.64 6.62
C GLN A 349 -28.50 9.14 5.24
N LEU A 350 -27.54 8.84 4.37
CA LEU A 350 -27.88 8.28 3.04
C LEU A 350 -28.29 6.82 3.18
N LEU A 351 -27.65 6.09 4.09
CA LEU A 351 -27.97 4.65 4.29
C LEU A 351 -28.90 4.50 5.51
#